data_7R25
#
_entry.id   7R25
#
_cell.length_a   35.109
_cell.length_b   54.697
_cell.length_c   40.970
_cell.angle_alpha   90.000
_cell.angle_beta   92.720
_cell.angle_gamma   90.000
#
_symmetry.space_group_name_H-M   'P 1 21 1'
#
loop_
_entity.id
_entity.type
_entity.pdbx_description
1 polymer Lipase
2 non-polymer 'CITRIC ACID'
3 non-polymer 'PHOSPHATE ION'
4 non-polymer 'PROPANOIC ACID'
5 water water
#
_entity_poly.entity_id   1
_entity_poly.type   'polypeptide(L)'
_entity_poly.pdbx_seq_one_letter_code
;MAEHNPVVMVHGMGGASYNFASIKSYLVTQGWDRNQLFAIDFIDKTGNNRNNGPRLSRFVKDVLGKTGAKKVDIVAHSMG
GANTLYYIKNLDGGDKIENVVTLGGANGLVSLRALPGTDPNQKILYTSVYSSADMIVVNSLSRLIGARNVLIHGVGHISL
LASSQVKGYIKEGLNGGGQNTNLEHHHHHH
;
_entity_poly.pdbx_strand_id   A
#
loop_
_chem_comp.id
_chem_comp.type
_chem_comp.name
_chem_comp.formula
CIT non-polymer 'CITRIC ACID' 'C6 H8 O7'
PO4 non-polymer 'PHOSPHATE ION' 'O4 P -3'
PPI non-polymer 'PROPANOIC ACID' 'C3 H6 O2'
#
# COMPACT_ATOMS: atom_id res chain seq x y z
N GLU A 3 14.87 -5.77 11.68
CA GLU A 3 13.52 -6.31 11.91
C GLU A 3 12.47 -5.61 11.05
N HIS A 4 11.49 -6.37 10.60
CA HIS A 4 10.45 -5.82 9.75
C HIS A 4 9.41 -5.06 10.57
N ASN A 5 8.94 -3.94 10.04
CA ASN A 5 7.76 -3.29 10.59
C ASN A 5 6.56 -4.22 10.46
N PRO A 6 5.57 -4.06 11.34
CA PRO A 6 4.26 -4.67 11.06
C PRO A 6 3.79 -4.24 9.68
N VAL A 7 3.13 -5.14 8.96
CA VAL A 7 2.59 -4.83 7.65
C VAL A 7 1.07 -4.74 7.76
N VAL A 8 0.52 -3.60 7.33
CA VAL A 8 -0.91 -3.40 7.25
C VAL A 8 -1.31 -3.56 5.79
N MET A 9 -2.24 -4.47 5.54
N MET A 9 -2.23 -4.47 5.53
CA MET A 9 -2.64 -4.88 4.19
CA MET A 9 -2.63 -4.84 4.19
C MET A 9 -4.05 -4.37 3.91
C MET A 9 -4.03 -4.29 3.96
N VAL A 10 -4.21 -3.61 2.83
CA VAL A 10 -5.37 -2.75 2.60
C VAL A 10 -6.04 -3.15 1.29
N HIS A 11 -7.21 -3.80 1.38
CA HIS A 11 -7.89 -4.33 0.22
C HIS A 11 -8.60 -3.24 -0.57
N GLY A 12 -9.09 -3.62 -1.75
CA GLY A 12 -9.75 -2.72 -2.67
C GLY A 12 -11.26 -2.81 -2.60
N MET A 13 -11.90 -2.06 -3.49
N MET A 13 -11.91 -2.10 -3.52
CA MET A 13 -13.36 -2.09 -3.56
CA MET A 13 -13.36 -2.08 -3.56
C MET A 13 -13.86 -3.51 -3.79
C MET A 13 -13.92 -3.48 -3.84
N GLY A 14 -14.89 -3.89 -3.03
CA GLY A 14 -15.46 -5.21 -3.11
C GLY A 14 -14.58 -6.30 -2.55
N GLY A 15 -13.45 -5.95 -1.98
CA GLY A 15 -12.47 -6.92 -1.54
C GLY A 15 -12.68 -7.34 -0.10
N ALA A 16 -11.68 -8.03 0.43
CA ALA A 16 -11.73 -8.59 1.77
C ALA A 16 -10.31 -8.82 2.24
N SER A 17 -10.15 -8.95 3.56
CA SER A 17 -8.83 -9.22 4.10
C SER A 17 -8.21 -10.49 3.51
N TYR A 18 -9.03 -11.50 3.25
CA TYR A 18 -8.51 -12.76 2.74
C TYR A 18 -7.98 -12.64 1.31
N ASN A 19 -8.22 -11.51 0.62
CA ASN A 19 -7.54 -11.27 -0.64
C ASN A 19 -6.02 -11.35 -0.50
N PHE A 20 -5.51 -11.07 0.70
CA PHE A 20 -4.08 -11.09 0.97
C PHE A 20 -3.55 -12.46 1.38
N ALA A 21 -4.35 -13.53 1.26
CA ALA A 21 -3.87 -14.85 1.67
C ALA A 21 -2.59 -15.24 0.92
N SER A 22 -2.57 -15.05 -0.39
CA SER A 22 -1.42 -15.50 -1.17
C SER A 22 -0.17 -14.69 -0.83
N ILE A 23 -0.32 -13.36 -0.69
CA ILE A 23 0.81 -12.51 -0.34
C ILE A 23 1.31 -12.80 1.07
N LYS A 24 0.40 -13.00 2.02
CA LYS A 24 0.83 -13.37 3.37
C LYS A 24 1.66 -14.64 3.34
N SER A 25 1.18 -15.67 2.65
CA SER A 25 1.92 -16.92 2.61
C SER A 25 3.29 -16.72 1.99
N TYR A 26 3.36 -15.95 0.91
CA TYR A 26 4.64 -15.64 0.30
C TYR A 26 5.57 -14.94 1.30
N LEU A 27 5.07 -13.90 1.98
CA LEU A 27 5.95 -13.16 2.88
C LEU A 27 6.47 -14.04 4.00
N VAL A 28 5.65 -14.99 4.48
CA VAL A 28 6.13 -15.93 5.49
C VAL A 28 7.28 -16.77 4.93
N THR A 29 7.19 -17.20 3.67
CA THR A 29 8.29 -17.97 3.08
C THR A 29 9.56 -17.13 2.92
N GLN A 30 9.47 -15.80 3.04
CA GLN A 30 10.61 -14.90 2.94
C GLN A 30 11.03 -14.36 4.30
N GLY A 31 10.45 -14.88 5.38
CA GLY A 31 10.91 -14.54 6.71
C GLY A 31 10.10 -13.51 7.46
N TRP A 32 8.97 -13.04 6.92
CA TRP A 32 8.06 -12.24 7.73
C TRP A 32 7.32 -13.15 8.69
N ASP A 33 6.97 -12.61 9.84
CA ASP A 33 6.20 -13.36 10.82
C ASP A 33 4.71 -13.24 10.50
N ARG A 34 4.03 -14.38 10.39
N ARG A 34 4.04 -14.39 10.41
CA ARG A 34 2.64 -14.37 9.98
CA ARG A 34 2.65 -14.40 9.99
C ARG A 34 1.78 -13.48 10.88
C ARG A 34 1.76 -13.56 10.89
N ASN A 35 2.08 -13.48 12.18
CA ASN A 35 1.25 -12.75 13.13
C ASN A 35 1.50 -11.26 13.12
N GLN A 36 2.47 -10.80 12.33
CA GLN A 36 2.79 -9.39 12.17
C GLN A 36 2.33 -8.86 10.81
N LEU A 37 1.39 -9.56 10.19
CA LEU A 37 0.75 -9.18 8.94
C LEU A 37 -0.72 -8.96 9.29
N PHE A 38 -1.16 -7.71 9.17
CA PHE A 38 -2.46 -7.28 9.69
C PHE A 38 -3.31 -6.77 8.52
N ALA A 39 -4.31 -7.55 8.14
CA ALA A 39 -5.14 -7.20 6.99
C ALA A 39 -6.51 -6.69 7.46
N ILE A 40 -6.82 -5.46 7.08
CA ILE A 40 -8.09 -4.82 7.47
C ILE A 40 -9.25 -5.42 6.67
N ASP A 41 -10.46 -5.31 7.23
CA ASP A 41 -11.69 -5.54 6.48
C ASP A 41 -12.47 -4.23 6.51
N PHE A 42 -12.75 -3.67 5.35
CA PHE A 42 -13.59 -2.51 5.23
C PHE A 42 -15.07 -2.93 5.16
N ILE A 43 -15.94 -2.03 5.60
CA ILE A 43 -17.39 -2.21 5.49
C ILE A 43 -17.91 -1.65 4.17
N ASP A 44 -17.40 -0.49 3.78
CA ASP A 44 -17.92 0.19 2.59
C ASP A 44 -17.58 -0.56 1.33
N LYS A 45 -18.59 -1.06 0.62
CA LYS A 45 -18.33 -1.88 -0.57
C LYS A 45 -17.69 -1.13 -1.75
N THR A 46 -17.67 0.21 -1.74
CA THR A 46 -17.10 1.01 -2.82
C THR A 46 -15.72 1.54 -2.51
N GLY A 47 -15.32 1.45 -1.26
CA GLY A 47 -14.02 1.96 -0.89
C GLY A 47 -13.97 3.44 -0.73
N ASN A 48 -15.09 4.13 -0.50
CA ASN A 48 -15.08 5.58 -0.33
C ASN A 48 -14.13 5.99 0.80
N ASN A 49 -13.29 6.98 0.51
CA ASN A 49 -12.31 7.45 1.49
C ASN A 49 -12.94 7.97 2.78
N ARG A 50 -14.12 8.59 2.71
CA ARG A 50 -14.70 9.15 3.92
C ARG A 50 -15.11 8.06 4.90
N ASN A 51 -15.33 6.83 4.44
CA ASN A 51 -15.55 5.72 5.34
C ASN A 51 -14.28 4.93 5.62
N ASN A 52 -13.51 4.65 4.58
CA ASN A 52 -12.35 3.76 4.73
C ASN A 52 -11.15 4.48 5.36
N GLY A 53 -10.97 5.76 5.10
CA GLY A 53 -9.83 6.47 5.64
C GLY A 53 -9.79 6.44 7.16
N PRO A 54 -10.87 6.87 7.82
CA PRO A 54 -10.86 6.84 9.30
C PRO A 54 -10.79 5.42 9.85
N ARG A 55 -11.42 4.46 9.18
CA ARG A 55 -11.34 3.07 9.63
C ARG A 55 -9.88 2.58 9.57
N LEU A 56 -9.18 2.92 8.48
CA LEU A 56 -7.76 2.59 8.37
C LEU A 56 -6.94 3.31 9.45
N SER A 57 -7.24 4.58 9.71
CA SER A 57 -6.53 5.30 10.78
C SER A 57 -6.66 4.58 12.12
N ARG A 58 -7.89 4.18 12.47
CA ARG A 58 -8.08 3.49 13.75
C ARG A 58 -7.32 2.17 13.77
N PHE A 59 -7.33 1.45 12.63
CA PHE A 59 -6.68 0.16 12.53
C PHE A 59 -5.16 0.28 12.73
N VAL A 60 -4.55 1.27 12.06
CA VAL A 60 -3.10 1.47 12.17
C VAL A 60 -2.72 1.93 13.58
N LYS A 61 -3.49 2.87 14.15
CA LYS A 61 -3.19 3.31 15.51
C LYS A 61 -3.20 2.13 16.46
N ASP A 62 -4.16 1.22 16.28
CA ASP A 62 -4.25 0.04 17.13
C ASP A 62 -3.04 -0.89 16.91
N VAL A 63 -2.63 -1.10 15.65
CA VAL A 63 -1.45 -1.92 15.39
C VAL A 63 -0.22 -1.35 16.08
N LEU A 64 0.01 -0.04 15.96
CA LEU A 64 1.17 0.58 16.61
C LEU A 64 1.08 0.42 18.13
N GLY A 65 -0.12 0.59 18.68
CA GLY A 65 -0.26 0.51 20.13
C GLY A 65 0.09 -0.85 20.70
N LYS A 66 -0.37 -1.92 20.02
CA LYS A 66 -0.18 -3.26 20.56
C LYS A 66 1.22 -3.80 20.24
N THR A 67 1.75 -3.52 19.05
CA THR A 67 3.07 -4.02 18.71
C THR A 67 4.19 -3.21 19.36
N GLY A 68 3.95 -1.93 19.63
CA GLY A 68 5.01 -1.04 20.06
C GLY A 68 5.94 -0.58 18.97
N ALA A 69 5.66 -0.94 17.72
CA ALA A 69 6.47 -0.47 16.61
C ALA A 69 6.28 1.03 16.43
N LYS A 70 7.24 1.67 15.77
CA LYS A 70 7.14 3.09 15.50
C LYS A 70 6.42 3.41 14.19
N LYS A 71 6.40 2.48 13.25
N LYS A 71 6.48 2.49 13.23
CA LYS A 71 5.69 2.70 12.00
CA LYS A 71 5.93 2.65 11.89
C LYS A 71 5.30 1.35 11.43
C LYS A 71 5.28 1.32 11.48
N VAL A 72 4.27 1.39 10.60
CA VAL A 72 3.84 0.25 9.82
C VAL A 72 4.33 0.42 8.38
N ASP A 73 4.41 -0.72 7.69
CA ASP A 73 4.47 -0.74 6.24
C ASP A 73 3.08 -1.05 5.69
N ILE A 74 2.84 -0.69 4.43
CA ILE A 74 1.54 -0.88 3.79
C ILE A 74 1.71 -1.71 2.52
N VAL A 75 0.85 -2.71 2.33
CA VAL A 75 0.61 -3.29 1.00
C VAL A 75 -0.86 -3.03 0.69
N ALA A 76 -1.13 -2.32 -0.40
CA ALA A 76 -2.50 -1.88 -0.71
C ALA A 76 -2.85 -2.26 -2.14
N HIS A 77 -4.07 -2.76 -2.35
CA HIS A 77 -4.55 -3.14 -3.66
C HIS A 77 -5.65 -2.18 -4.10
N SER A 78 -5.56 -1.69 -5.33
N SER A 78 -5.56 -1.68 -5.35
CA SER A 78 -6.69 -1.01 -5.98
CA SER A 78 -6.66 -0.98 -6.02
C SER A 78 -7.12 0.19 -5.14
C SER A 78 -7.13 0.24 -5.26
N MET A 79 -8.40 0.34 -4.83
CA MET A 79 -8.85 1.50 -4.07
C MET A 79 -8.14 1.60 -2.72
N GLY A 80 -7.58 0.49 -2.23
CA GLY A 80 -6.80 0.57 -1.02
C GLY A 80 -5.63 1.53 -1.14
N GLY A 81 -5.07 1.70 -2.37
CA GLY A 81 -4.01 2.68 -2.54
C GLY A 81 -4.51 4.11 -2.34
N ALA A 82 -5.69 4.43 -2.89
CA ALA A 82 -6.31 5.72 -2.61
C ALA A 82 -6.59 5.90 -1.12
N ASN A 83 -7.14 4.85 -0.48
CA ASN A 83 -7.46 4.98 0.94
C ASN A 83 -6.20 5.28 1.75
N THR A 84 -5.08 4.62 1.38
CA THR A 84 -3.80 4.84 2.07
C THR A 84 -3.31 6.28 1.87
N LEU A 85 -3.34 6.75 0.62
CA LEU A 85 -2.92 8.12 0.35
C LEU A 85 -3.83 9.13 1.03
N TYR A 86 -5.13 8.84 1.12
CA TYR A 86 -6.05 9.74 1.82
C TYR A 86 -5.70 9.81 3.31
N TYR A 87 -5.42 8.66 3.89
CA TYR A 87 -4.99 8.59 5.28
C TYR A 87 -3.74 9.44 5.52
N ILE A 88 -2.75 9.33 4.61
CA ILE A 88 -1.52 10.12 4.71
C ILE A 88 -1.78 11.62 4.50
N LYS A 89 -2.56 11.96 3.47
CA LYS A 89 -2.71 13.35 3.06
C LYS A 89 -3.66 14.12 3.97
N ASN A 90 -4.83 13.53 4.25
CA ASN A 90 -5.94 14.23 4.84
C ASN A 90 -6.19 13.85 6.29
N LEU A 91 -5.66 12.71 6.75
CA LEU A 91 -5.85 12.25 8.12
C LEU A 91 -4.48 12.27 8.81
N ASP A 92 -4.24 11.28 9.69
CA ASP A 92 -3.06 11.25 10.58
C ASP A 92 -2.06 10.15 10.18
N GLY A 93 -2.06 9.74 8.91
CA GLY A 93 -1.15 8.67 8.52
C GLY A 93 0.26 9.11 8.20
N GLY A 94 0.49 10.41 8.10
CA GLY A 94 1.75 10.93 7.57
C GLY A 94 2.97 10.64 8.41
N ASP A 95 2.81 10.31 9.69
CA ASP A 95 3.94 9.96 10.55
C ASP A 95 3.93 8.52 11.00
N LYS A 96 3.06 7.68 10.45
CA LYS A 96 2.86 6.34 10.96
C LYS A 96 3.28 5.24 9.99
N ILE A 97 3.77 5.62 8.81
CA ILE A 97 4.03 4.69 7.71
C ILE A 97 5.46 4.87 7.22
N GLU A 98 6.13 3.76 6.92
CA GLU A 98 7.47 3.80 6.34
C GLU A 98 7.44 3.37 4.87
N ASN A 99 7.28 2.08 4.59
CA ASN A 99 7.31 1.58 3.23
C ASN A 99 5.88 1.31 2.73
N VAL A 100 5.55 1.82 1.53
CA VAL A 100 4.26 1.59 0.90
C VAL A 100 4.47 0.86 -0.42
N VAL A 101 3.72 -0.22 -0.62
CA VAL A 101 3.65 -0.89 -1.92
C VAL A 101 2.18 -0.87 -2.32
N THR A 102 1.88 -0.29 -3.50
CA THR A 102 0.53 -0.38 -4.05
C THR A 102 0.53 -1.30 -5.25
N LEU A 103 -0.60 -1.98 -5.44
CA LEU A 103 -0.81 -2.98 -6.49
C LEU A 103 -2.03 -2.52 -7.29
N GLY A 104 -1.80 -2.03 -8.51
CA GLY A 104 -2.94 -1.48 -9.27
C GLY A 104 -3.67 -0.41 -8.48
N GLY A 105 -2.92 0.43 -7.76
CA GLY A 105 -3.58 1.39 -6.87
C GLY A 105 -4.30 2.48 -7.65
N ALA A 106 -5.46 2.89 -7.14
CA ALA A 106 -6.20 4.02 -7.70
C ALA A 106 -5.67 5.33 -7.10
N ASN A 107 -4.35 5.51 -7.21
CA ASN A 107 -3.63 6.45 -6.37
C ASN A 107 -3.95 7.90 -6.71
N GLY A 108 -4.12 8.19 -8.00
CA GLY A 108 -4.34 9.54 -8.45
C GLY A 108 -5.69 10.11 -8.11
N LEU A 109 -6.59 9.32 -7.50
CA LEU A 109 -7.79 9.88 -6.90
C LEU A 109 -7.45 10.83 -5.77
N VAL A 110 -6.28 10.67 -5.14
CA VAL A 110 -5.90 11.45 -3.98
C VAL A 110 -4.68 12.32 -4.26
N SER A 111 -3.66 11.77 -4.91
CA SER A 111 -2.45 12.55 -5.16
C SER A 111 -1.81 12.06 -6.45
N LEU A 112 -1.34 13.01 -7.26
CA LEU A 112 -0.51 12.66 -8.39
C LEU A 112 0.93 12.37 -7.99
N ARG A 113 1.34 12.79 -6.79
N ARG A 113 1.33 12.76 -6.78
CA ARG A 113 2.71 12.64 -6.32
CA ARG A 113 2.71 12.64 -6.32
C ARG A 113 2.79 11.73 -5.09
C ARG A 113 2.81 11.77 -5.06
N ALA A 114 3.94 11.07 -4.96
CA ALA A 114 4.25 10.26 -3.78
C ALA A 114 4.41 11.17 -2.57
N LEU A 115 3.52 11.05 -1.61
CA LEU A 115 3.49 11.99 -0.48
C LEU A 115 4.52 11.58 0.57
N PRO A 116 5.47 12.46 0.92
CA PRO A 116 6.54 12.05 1.84
C PRO A 116 6.09 11.91 3.28
N GLY A 117 4.94 12.46 3.65
CA GLY A 117 4.47 12.41 5.01
C GLY A 117 5.02 13.56 5.82
N THR A 118 4.88 13.42 7.15
CA THR A 118 5.04 14.52 8.08
C THR A 118 6.18 14.29 9.06
N ASP A 119 6.99 13.25 8.87
CA ASP A 119 8.12 12.96 9.75
C ASP A 119 9.42 13.25 9.01
N PRO A 120 10.10 14.36 9.30
CA PRO A 120 11.35 14.64 8.59
C PRO A 120 12.42 13.58 8.79
N ASN A 121 12.34 12.78 9.86
CA ASN A 121 13.35 11.76 10.10
C ASN A 121 13.27 10.62 9.09
N GLN A 122 12.10 10.39 8.49
CA GLN A 122 11.95 9.25 7.57
C GLN A 122 10.80 9.53 6.63
N LYS A 123 11.15 9.78 5.37
CA LYS A 123 10.14 9.96 4.34
C LYS A 123 9.47 8.63 4.02
N ILE A 124 8.20 8.73 3.63
CA ILE A 124 7.48 7.55 3.17
C ILE A 124 8.00 7.15 1.78
N LEU A 125 8.37 5.88 1.62
CA LEU A 125 8.89 5.35 0.36
C LEU A 125 7.81 4.56 -0.35
N TYR A 126 7.75 4.69 -1.69
CA TYR A 126 6.69 4.10 -2.47
C TYR A 126 7.22 3.21 -3.59
N THR A 127 6.56 2.07 -3.77
CA THR A 127 6.69 1.22 -4.94
C THR A 127 5.27 1.05 -5.46
N SER A 128 4.98 1.62 -6.64
CA SER A 128 3.67 1.48 -7.27
C SER A 128 3.81 0.48 -8.40
N VAL A 129 3.22 -0.70 -8.20
CA VAL A 129 3.28 -1.79 -9.18
C VAL A 129 1.96 -1.78 -9.95
N TYR A 130 2.04 -1.84 -11.28
CA TYR A 130 0.82 -1.83 -12.07
C TYR A 130 1.10 -2.64 -13.35
N SER A 131 0.01 -3.13 -13.94
CA SER A 131 0.08 -4.03 -15.07
C SER A 131 -0.61 -3.44 -16.29
N SER A 132 0.02 -3.60 -17.46
CA SER A 132 -0.62 -3.13 -18.69
C SER A 132 -1.88 -3.92 -19.02
N ALA A 133 -2.09 -5.09 -18.42
CA ALA A 133 -3.30 -5.88 -18.62
C ALA A 133 -4.45 -5.47 -17.71
N ASP A 134 -4.23 -4.50 -16.82
CA ASP A 134 -5.24 -4.14 -15.84
C ASP A 134 -6.33 -3.32 -16.51
N MET A 135 -7.54 -3.88 -16.55
CA MET A 135 -8.71 -3.26 -17.18
C MET A 135 -9.56 -2.46 -16.20
N ILE A 136 -9.21 -2.49 -14.92
CA ILE A 136 -10.02 -1.92 -13.86
C ILE A 136 -9.46 -0.59 -13.35
N VAL A 137 -8.13 -0.51 -13.23
CA VAL A 137 -7.46 0.73 -12.82
C VAL A 137 -6.42 1.04 -13.90
N VAL A 138 -6.59 2.17 -14.59
N VAL A 138 -6.59 2.17 -14.58
CA VAL A 138 -5.65 2.50 -15.64
CA VAL A 138 -5.68 2.54 -15.66
C VAL A 138 -4.29 2.84 -15.03
C VAL A 138 -4.31 2.91 -15.08
N ASN A 139 -3.23 2.57 -15.81
CA ASN A 139 -1.90 2.71 -15.27
C ASN A 139 -1.57 4.17 -14.91
N SER A 140 -2.10 5.14 -15.66
CA SER A 140 -1.80 6.53 -15.31
C SER A 140 -2.34 6.90 -13.94
N LEU A 141 -3.40 6.21 -13.47
CA LEU A 141 -3.96 6.47 -12.15
C LEU A 141 -3.11 5.85 -11.05
N SER A 142 -2.34 4.80 -11.38
CA SER A 142 -1.46 4.14 -10.41
C SER A 142 -0.10 4.82 -10.28
N ARG A 143 0.43 5.38 -11.37
N ARG A 143 0.43 5.34 -11.38
CA ARG A 143 1.74 6.00 -11.33
CA ARG A 143 1.74 5.99 -11.35
C ARG A 143 1.72 7.15 -10.35
C ARG A 143 1.73 7.15 -10.37
N LEU A 144 2.84 7.30 -9.62
CA LEU A 144 3.01 8.40 -8.67
C LEU A 144 4.29 9.14 -8.99
N ILE A 145 4.19 10.45 -9.20
CA ILE A 145 5.38 11.27 -9.42
C ILE A 145 6.29 11.15 -8.21
N GLY A 146 7.56 10.84 -8.44
CA GLY A 146 8.55 10.72 -7.40
C GLY A 146 8.67 9.35 -6.78
N ALA A 147 7.73 8.44 -7.07
CA ALA A 147 7.78 7.08 -6.56
C ALA A 147 8.65 6.21 -7.46
N ARG A 148 8.90 5.00 -7.00
CA ARG A 148 9.36 3.94 -7.89
C ARG A 148 8.12 3.33 -8.54
N ASN A 149 8.00 3.51 -9.86
CA ASN A 149 6.86 3.06 -10.64
C ASN A 149 7.28 1.83 -11.43
N VAL A 150 6.57 0.73 -11.24
CA VAL A 150 6.98 -0.57 -11.75
C VAL A 150 5.87 -1.11 -12.64
N LEU A 151 6.18 -1.26 -13.94
CA LEU A 151 5.24 -1.77 -14.92
C LEU A 151 5.51 -3.24 -15.19
N ILE A 152 4.47 -4.05 -15.10
CA ILE A 152 4.50 -5.44 -15.53
C ILE A 152 3.44 -5.63 -16.62
N HIS A 153 3.46 -6.80 -17.25
CA HIS A 153 2.54 -7.14 -18.33
C HIS A 153 1.82 -8.44 -18.03
N GLY A 154 0.64 -8.61 -18.64
CA GLY A 154 -0.04 -9.89 -18.63
C GLY A 154 -0.88 -10.19 -17.41
N VAL A 155 -0.67 -9.51 -16.30
CA VAL A 155 -1.31 -9.84 -15.03
C VAL A 155 -2.59 -9.01 -14.88
N GLY A 156 -3.72 -9.68 -14.70
CA GLY A 156 -4.97 -8.97 -14.52
C GLY A 156 -5.05 -8.30 -13.15
N HIS A 157 -6.08 -7.45 -13.00
CA HIS A 157 -6.24 -6.65 -11.78
C HIS A 157 -6.31 -7.49 -10.51
N ILE A 158 -7.15 -8.53 -10.51
CA ILE A 158 -7.25 -9.38 -9.32
C ILE A 158 -6.03 -10.29 -9.21
N SER A 159 -5.50 -10.75 -10.35
CA SER A 159 -4.30 -11.58 -10.36
C SER A 159 -3.08 -10.90 -9.77
N LEU A 160 -3.08 -9.56 -9.66
CA LEU A 160 -2.00 -8.89 -8.94
C LEU A 160 -1.79 -9.47 -7.54
N LEU A 161 -2.88 -9.98 -6.92
CA LEU A 161 -2.81 -10.51 -5.56
C LEU A 161 -2.05 -11.82 -5.46
N ALA A 162 -1.83 -12.53 -6.57
CA ALA A 162 -1.14 -13.81 -6.53
C ALA A 162 0.12 -13.89 -7.40
N SER A 163 0.43 -12.88 -8.17
CA SER A 163 1.54 -12.94 -9.12
C SER A 163 2.90 -13.04 -8.46
N SER A 164 3.75 -13.92 -9.02
CA SER A 164 5.10 -14.08 -8.49
C SER A 164 5.96 -12.84 -8.70
N GLN A 165 5.85 -12.18 -9.86
CA GLN A 165 6.58 -10.92 -10.08
C GLN A 165 6.18 -9.89 -9.02
N VAL A 166 4.87 -9.76 -8.81
CA VAL A 166 4.37 -8.78 -7.86
C VAL A 166 4.96 -9.08 -6.48
N LYS A 167 4.93 -10.35 -6.08
CA LYS A 167 5.48 -10.72 -4.78
C LYS A 167 6.94 -10.32 -4.64
N GLY A 168 7.74 -10.53 -5.68
CA GLY A 168 9.13 -10.10 -5.60
C GLY A 168 9.27 -8.61 -5.38
N TYR A 169 8.44 -7.81 -6.06
CA TYR A 169 8.48 -6.36 -5.88
C TYR A 169 7.97 -5.96 -4.49
N ILE A 170 6.96 -6.68 -3.97
CA ILE A 170 6.53 -6.41 -2.60
C ILE A 170 7.68 -6.61 -1.62
N LYS A 171 8.41 -7.73 -1.76
CA LYS A 171 9.56 -7.96 -0.88
C LYS A 171 10.56 -6.81 -0.99
N GLU A 172 10.91 -6.41 -2.22
CA GLU A 172 11.84 -5.30 -2.38
C GLU A 172 11.32 -4.06 -1.64
N GLY A 173 10.05 -3.72 -1.86
CA GLY A 173 9.50 -2.52 -1.26
C GLY A 173 9.47 -2.58 0.26
N LEU A 174 9.05 -3.72 0.81
CA LEU A 174 8.97 -3.84 2.27
C LEU A 174 10.35 -3.85 2.93
N ASN A 175 11.41 -4.10 2.15
CA ASN A 175 12.78 -4.00 2.62
C ASN A 175 13.43 -2.65 2.31
N GLY A 176 12.65 -1.65 1.90
CA GLY A 176 13.17 -0.30 1.67
C GLY A 176 13.49 0.03 0.24
N GLY A 177 13.03 -0.78 -0.71
CA GLY A 177 13.34 -0.62 -2.12
C GLY A 177 12.42 0.30 -2.90
N GLY A 178 11.51 0.99 -2.22
CA GLY A 178 10.76 2.05 -2.85
C GLY A 178 11.55 3.34 -2.89
N GLN A 179 10.91 4.37 -3.43
CA GLN A 179 11.54 5.66 -3.64
C GLN A 179 10.57 6.78 -3.28
N ASN A 180 11.15 7.94 -3.00
CA ASN A 180 10.37 9.16 -2.91
C ASN A 180 11.36 10.31 -3.11
N THR A 181 11.38 10.89 -4.31
CA THR A 181 12.28 11.98 -4.60
C THR A 181 11.63 13.36 -4.41
N ASN A 182 10.46 13.42 -3.79
CA ASN A 182 9.73 14.69 -3.76
C ASN A 182 10.19 15.69 -2.72
N LEU A 183 11.15 15.36 -1.86
CA LEU A 183 11.80 16.35 -1.01
C LEU A 183 13.01 16.98 -1.69
N GLU A 184 13.43 16.43 -2.82
CA GLU A 184 14.56 16.92 -3.59
C GLU A 184 14.10 18.02 -4.53
N HIS A 185 15.02 18.86 -4.96
CA HIS A 185 14.69 19.77 -6.04
C HIS A 185 14.56 18.97 -7.33
N HIS A 186 13.85 19.55 -8.30
CA HIS A 186 13.68 18.91 -9.61
C HIS A 186 15.02 18.46 -10.19
C1 CIT B . -8.04 14.70 -2.05
O1 CIT B . -7.23 14.83 -1.11
O2 CIT B . -7.78 15.24 -3.15
C2 CIT B . -9.29 13.86 -1.84
C3 CIT B . -10.38 14.19 -2.86
O7 CIT B . -9.89 13.91 -4.20
C4 CIT B . -11.64 13.37 -2.64
C5 CIT B . -11.31 11.90 -2.58
O3 CIT B . -11.60 11.28 -1.53
O4 CIT B . -10.72 11.35 -3.56
C6 CIT B . -10.79 15.65 -2.77
O5 CIT B . -11.09 16.13 -1.65
O6 CIT B . -10.85 16.39 -3.77
H21 CIT B . -9.02 12.81 -1.91
H22 CIT B . -9.68 14.03 -0.84
HO7 CIT B . -9.88 14.74 -4.72
H41 CIT B . -12.35 13.55 -3.44
H42 CIT B . -12.11 13.67 -1.70
P PO4 C . -8.45 -10.66 -13.22
O1 PO4 C . -9.57 -11.55 -12.78
O2 PO4 C . -8.35 -10.70 -14.73
O3 PO4 C . -7.20 -11.17 -12.61
O4 PO4 C . -8.75 -9.26 -12.78
C1 PPI D . 3.43 -13.92 -12.34
C2 PPI D . 2.52 -15.12 -12.01
C3 PPI D . 3.24 -16.29 -11.36
O1 PPI D . 4.67 -13.92 -12.20
O2 PPI D . 2.86 -12.88 -12.75
H21 PPI D . 2.10 -15.42 -12.82
H22 PPI D . 1.83 -14.82 -11.40
H31 PPI D . 4.19 -16.12 -11.33
H32 PPI D . 3.10 -17.09 -11.90
H33 PPI D . 2.90 -16.44 -10.47
#